data_2OOW
#
_entry.id   2OOW
#
_cell.length_a   67.610
_cell.length_b   67.794
_cell.length_c   87.248
_cell.angle_alpha   90.000
_cell.angle_beta   90.000
_cell.angle_gamma   90.000
#
_symmetry.space_group_name_H-M   'P 21 21 21'
#
loop_
_entity.id
_entity.type
_entity.pdbx_description
1 polymer 'Macrophage migration inhibitory factor'
2 non-polymer 'SULFATE ION'
3 non-polymer '3-FLUORO-4-HYDROXYBENZALDEHYDE O-(CYCLOHEXYLCARBONYL)OXIME'
4 non-polymer GLYCEROL
5 non-polymer 'ISOPROPYL ALCOHOL'
6 water water
#
_entity_poly.entity_id   1
_entity_poly.type   'polypeptide(L)'
_entity_poly.pdbx_seq_one_letter_code
;PMFIVNTNVPRASVPDGFLSELTQQLAQATGKPPQYIAVHVVPDQLMAFGGSSEPCALCSLHSIGKIGGAQNRSYSKLLC
GLLAERLRISPDRVYINYYDMNAANVGWNNSTFA
;
_entity_poly.pdbx_strand_id   A,B,C
#
loop_
_chem_comp.id
_chem_comp.type
_chem_comp.name
_chem_comp.formula
GOL non-polymer GLYCEROL 'C3 H8 O3'
IPA non-polymer 'ISOPROPYL ALCOHOL' 'C3 H8 O'
OX4 non-polymer '3-FLUORO-4-HYDROXYBENZALDEHYDE O-(CYCLOHEXYLCARBONYL)OXIME' 'C14 H16 F N O3'
SO4 non-polymer 'SULFATE ION' 'O4 S -2'
#
# COMPACT_ATOMS: atom_id res chain seq x y z
N PRO A 1 -3.20 13.39 -7.65
CA PRO A 1 -3.68 12.62 -6.48
C PRO A 1 -3.86 11.16 -6.84
N MET A 2 -3.73 10.29 -5.85
CA MET A 2 -3.86 8.85 -6.05
C MET A 2 -4.76 8.30 -4.96
N PHE A 3 -5.85 7.64 -5.35
CA PHE A 3 -6.77 7.06 -4.36
C PHE A 3 -6.86 5.55 -4.57
N ILE A 4 -6.66 4.80 -3.50
CA ILE A 4 -6.70 3.35 -3.54
C ILE A 4 -7.73 2.83 -2.55
N VAL A 5 -8.55 1.88 -2.99
CA VAL A 5 -9.56 1.27 -2.13
C VAL A 5 -9.39 -0.24 -2.15
N ASN A 6 -9.18 -0.83 -0.98
CA ASN A 6 -9.06 -2.29 -0.84
C ASN A 6 -10.33 -2.69 -0.08
N THR A 7 -11.08 -3.64 -0.61
CA THR A 7 -12.32 -4.04 0.06
C THR A 7 -12.63 -5.52 -0.09
N ASN A 8 -13.41 -6.06 0.85
CA ASN A 8 -13.80 -7.47 0.77
C ASN A 8 -15.09 -7.63 -0.06
N VAL A 9 -15.63 -6.49 -0.51
CA VAL A 9 -16.83 -6.51 -1.35
C VAL A 9 -16.45 -7.20 -2.68
N PRO A 10 -17.32 -8.08 -3.19
CA PRO A 10 -17.06 -8.80 -4.45
C PRO A 10 -16.97 -7.91 -5.68
N ARG A 11 -16.14 -8.31 -6.64
CA ARG A 11 -15.95 -7.56 -7.88
C ARG A 11 -17.27 -7.25 -8.57
N ALA A 12 -18.17 -8.22 -8.58
CA ALA A 12 -19.48 -8.06 -9.22
C ALA A 12 -20.32 -6.97 -8.56
N SER A 13 -19.96 -6.60 -7.33
CA SER A 13 -20.70 -5.58 -6.62
C SER A 13 -20.17 -4.18 -6.85
N VAL A 14 -19.08 -4.07 -7.62
CA VAL A 14 -18.52 -2.77 -7.95
C VAL A 14 -19.25 -2.36 -9.23
N PRO A 15 -20.05 -1.29 -9.16
CA PRO A 15 -20.81 -0.82 -10.32
C PRO A 15 -20.00 -0.24 -11.47
N ASP A 16 -20.56 -0.38 -12.68
CA ASP A 16 -19.93 0.16 -13.87
C ASP A 16 -19.80 1.66 -13.65
N GLY A 17 -18.67 2.21 -14.08
CA GLY A 17 -18.47 3.65 -13.94
C GLY A 17 -17.92 4.11 -12.61
N PHE A 18 -17.67 3.17 -11.70
CA PHE A 18 -17.15 3.53 -10.38
C PHE A 18 -15.81 4.25 -10.43
N LEU A 19 -14.86 3.74 -11.23
CA LEU A 19 -13.56 4.41 -11.30
C LEU A 19 -13.70 5.82 -11.89
N SER A 20 -14.58 5.99 -12.87
CA SER A 20 -14.78 7.30 -13.47
C SER A 20 -15.41 8.26 -12.47
N GLU A 21 -16.34 7.76 -11.65
CA GLU A 21 -16.99 8.61 -10.65
C GLU A 21 -15.96 9.08 -9.63
N LEU A 22 -15.11 8.15 -9.18
CA LEU A 22 -14.08 8.50 -8.20
C LEU A 22 -13.16 9.57 -8.78
N THR A 23 -12.76 9.37 -10.04
CA THR A 23 -11.88 10.32 -10.71
C THR A 23 -12.48 11.72 -10.74
N GLN A 24 -13.78 11.80 -11.09
CA GLN A 24 -14.46 13.09 -11.23
C GLN A 24 -14.63 13.76 -9.92
N GLN A 25 -15.09 12.99 -8.96
CA GLN A 25 -15.32 13.53 -7.63
C GLN A 25 -14.03 13.99 -6.97
N LEU A 26 -12.95 13.23 -7.16
CA LEU A 26 -11.68 13.61 -6.56
C LEU A 26 -11.09 14.83 -7.22
N ALA A 27 -11.30 14.97 -8.53
CA ALA A 27 -10.80 16.14 -9.25
C ALA A 27 -11.50 17.36 -8.67
N GLN A 28 -12.81 17.24 -8.46
CA GLN A 28 -13.60 18.33 -7.89
C GLN A 28 -13.19 18.67 -6.47
N ALA A 29 -13.05 17.64 -5.64
CA ALA A 29 -12.69 17.82 -4.23
C ALA A 29 -11.29 18.38 -3.99
N THR A 30 -10.31 17.89 -4.76
CA THR A 30 -8.93 18.34 -4.58
C THR A 30 -8.59 19.59 -5.38
N GLY A 31 -9.40 19.89 -6.38
CA GLY A 31 -9.13 21.06 -7.20
C GLY A 31 -8.06 20.81 -8.25
N LYS A 32 -7.65 19.55 -8.40
CA LYS A 32 -6.64 19.18 -9.38
C LYS A 32 -7.31 18.66 -10.64
N PRO A 33 -6.69 18.88 -11.81
CA PRO A 33 -7.28 18.40 -13.08
C PRO A 33 -7.45 16.89 -13.05
N PRO A 34 -8.56 16.39 -13.61
CA PRO A 34 -8.80 14.94 -13.61
C PRO A 34 -7.68 14.15 -14.32
N GLN A 35 -6.98 14.81 -15.23
CA GLN A 35 -5.87 14.16 -15.94
C GLN A 35 -4.77 13.68 -14.99
N TYR A 36 -4.70 14.29 -13.80
CA TYR A 36 -3.68 13.95 -12.80
C TYR A 36 -4.15 12.98 -11.72
N ILE A 37 -5.43 12.61 -11.79
CA ILE A 37 -6.01 11.72 -10.78
C ILE A 37 -5.88 10.25 -11.15
N ALA A 38 -5.37 9.45 -10.22
CA ALA A 38 -5.25 8.01 -10.44
C ALA A 38 -6.12 7.33 -9.38
N VAL A 39 -6.84 6.30 -9.79
CA VAL A 39 -7.71 5.57 -8.88
C VAL A 39 -7.47 4.08 -9.04
N HIS A 40 -7.63 3.34 -7.95
CA HIS A 40 -7.35 1.90 -7.96
C HIS A 40 -8.32 1.23 -6.97
N VAL A 41 -9.08 0.26 -7.46
CA VAL A 41 -10.03 -0.46 -6.61
C VAL A 41 -9.66 -1.93 -6.60
N VAL A 42 -9.55 -2.50 -5.41
CA VAL A 42 -9.16 -3.89 -5.23
C VAL A 42 -10.23 -4.64 -4.44
N PRO A 43 -11.14 -5.34 -5.15
CA PRO A 43 -12.22 -6.10 -4.51
C PRO A 43 -11.81 -7.52 -4.10
N ASP A 44 -12.77 -8.24 -3.53
CA ASP A 44 -12.57 -9.62 -3.11
C ASP A 44 -11.43 -9.87 -2.13
N GLN A 45 -11.11 -8.87 -1.31
CA GLN A 45 -10.01 -9.04 -0.38
C GLN A 45 -10.35 -9.79 0.90
N LEU A 46 -9.34 -10.45 1.45
CA LEU A 46 -9.48 -11.19 2.70
C LEU A 46 -9.13 -10.18 3.80
N MET A 47 -10.15 -9.55 4.37
CA MET A 47 -9.91 -8.57 5.41
C MET A 47 -10.99 -8.57 6.48
N ALA A 48 -10.69 -7.95 7.61
CA ALA A 48 -11.62 -7.85 8.72
C ALA A 48 -11.46 -6.48 9.32
N PHE A 49 -12.56 -5.96 9.86
CA PHE A 49 -12.54 -4.65 10.49
C PHE A 49 -13.24 -4.86 11.84
N GLY A 50 -12.52 -4.59 12.92
CA GLY A 50 -13.10 -4.79 14.25
C GLY A 50 -13.34 -6.30 14.50
N GLY A 51 -12.62 -7.15 13.80
CA GLY A 51 -12.83 -8.57 14.03
C GLY A 51 -14.03 -9.13 13.28
N SER A 52 -14.64 -8.31 12.44
CA SER A 52 -15.77 -8.73 11.61
C SER A 52 -15.48 -8.73 10.13
N SER A 53 -16.05 -9.70 9.42
CA SER A 53 -15.85 -9.79 7.97
C SER A 53 -16.99 -9.17 7.17
N GLU A 54 -17.81 -8.34 7.81
CA GLU A 54 -18.88 -7.65 7.09
C GLU A 54 -18.17 -6.67 6.15
N PRO A 55 -18.87 -6.14 5.14
CA PRO A 55 -18.23 -5.20 4.20
C PRO A 55 -17.44 -4.11 4.88
N CYS A 56 -16.22 -3.89 4.39
CA CYS A 56 -15.34 -2.86 4.94
C CYS A 56 -14.37 -2.41 3.86
N ALA A 57 -13.63 -1.35 4.12
CA ALA A 57 -12.67 -0.86 3.16
C ALA A 57 -11.48 -0.18 3.83
N LEU A 58 -10.29 -0.43 3.29
CA LEU A 58 -9.07 0.19 3.78
C LEU A 58 -8.58 0.97 2.57
N CYS A 59 -8.47 2.29 2.72
CA CYS A 59 -8.10 3.15 1.60
C CYS A 59 -6.96 4.11 1.91
N SER A 60 -6.46 4.74 0.86
CA SER A 60 -5.41 5.73 1.01
C SER A 60 -5.58 6.81 -0.06
N LEU A 61 -5.27 8.04 0.30
CA LEU A 61 -5.33 9.15 -0.64
C LEU A 61 -4.00 9.86 -0.49
N HIS A 62 -3.22 9.88 -1.57
CA HIS A 62 -1.93 10.55 -1.59
C HIS A 62 -2.09 11.80 -2.47
N SER A 63 -1.57 12.92 -2.00
CA SER A 63 -1.66 14.15 -2.76
C SER A 63 -0.50 15.07 -2.45
N ILE A 64 -0.04 15.82 -3.43
CA ILE A 64 1.03 16.78 -3.17
C ILE A 64 0.26 18.03 -2.74
N GLY A 65 0.16 18.22 -1.42
CA GLY A 65 -0.60 19.34 -0.90
C GLY A 65 -2.08 19.01 -0.92
N LYS A 66 -2.91 19.96 -0.50
CA LYS A 66 -4.35 19.77 -0.45
C LYS A 66 -4.75 18.71 0.57
N ILE A 67 -3.88 18.56 1.58
CA ILE A 67 -4.10 17.62 2.67
C ILE A 67 -4.04 18.41 3.98
N GLY A 68 -5.05 18.23 4.82
CA GLY A 68 -5.08 18.94 6.08
C GLY A 68 -6.32 18.60 6.89
N GLY A 69 -6.40 19.13 8.10
CA GLY A 69 -7.54 18.84 8.95
C GLY A 69 -8.91 18.98 8.32
N ALA A 70 -9.27 20.19 7.91
CA ALA A 70 -10.58 20.42 7.30
C ALA A 70 -10.74 19.71 5.96
N GLN A 71 -9.72 19.76 5.13
CA GLN A 71 -9.81 19.11 3.83
C GLN A 71 -10.02 17.61 3.97
N ASN A 72 -9.29 16.98 4.87
CA ASN A 72 -9.42 15.54 5.08
C ASN A 72 -10.82 15.16 5.58
N ARG A 73 -11.42 16.01 6.40
CA ARG A 73 -12.76 15.71 6.88
C ARG A 73 -13.71 15.74 5.68
N SER A 74 -13.52 16.72 4.80
CA SER A 74 -14.35 16.85 3.61
C SER A 74 -14.15 15.63 2.69
N TYR A 75 -12.89 15.22 2.50
CA TYR A 75 -12.59 14.06 1.65
C TYR A 75 -13.25 12.81 2.22
N SER A 76 -13.21 12.66 3.53
CA SER A 76 -13.78 11.50 4.19
C SER A 76 -15.29 11.42 4.00
N LYS A 77 -15.95 12.58 4.09
CA LYS A 77 -17.40 12.62 3.91
C LYS A 77 -17.72 12.19 2.48
N LEU A 78 -17.00 12.76 1.53
CA LEU A 78 -17.21 12.44 0.12
C LEU A 78 -16.96 10.96 -0.20
N LEU A 79 -15.79 10.46 0.22
CA LEU A 79 -15.43 9.08 -0.08
C LEU A 79 -16.26 8.03 0.67
N CYS A 80 -16.55 8.27 1.94
CA CYS A 80 -17.38 7.32 2.68
C CYS A 80 -18.77 7.32 2.05
N GLY A 81 -19.22 8.50 1.62
CA GLY A 81 -20.51 8.59 0.97
C GLY A 81 -20.57 7.75 -0.28
N LEU A 82 -19.52 7.84 -1.10
CA LEU A 82 -19.44 7.07 -2.34
C LEU A 82 -19.36 5.57 -2.06
N LEU A 83 -18.56 5.18 -1.07
CA LEU A 83 -18.42 3.78 -0.74
C LEU A 83 -19.73 3.21 -0.20
N ALA A 84 -20.46 4.02 0.55
CA ALA A 84 -21.73 3.58 1.12
C ALA A 84 -22.79 3.43 0.03
N GLU A 85 -22.88 4.44 -0.82
CA GLU A 85 -23.87 4.44 -1.91
C GLU A 85 -23.58 3.40 -3.00
N ARG A 86 -22.33 3.32 -3.43
CA ARG A 86 -21.98 2.39 -4.51
C ARG A 86 -21.60 0.97 -4.10
N LEU A 87 -20.90 0.80 -2.98
CA LEU A 87 -20.48 -0.52 -2.56
C LEU A 87 -21.20 -1.04 -1.32
N ARG A 88 -22.12 -0.23 -0.79
CA ARG A 88 -22.89 -0.61 0.39
C ARG A 88 -22.04 -0.88 1.62
N ILE A 89 -20.98 -0.10 1.78
CA ILE A 89 -20.07 -0.24 2.92
C ILE A 89 -20.41 0.85 3.94
N SER A 90 -20.65 0.43 5.19
CA SER A 90 -20.97 1.38 6.24
C SER A 90 -19.76 2.29 6.50
N PRO A 91 -19.99 3.62 6.59
CA PRO A 91 -18.88 4.55 6.84
C PRO A 91 -18.05 4.22 8.07
N ASP A 92 -18.64 3.60 9.08
CA ASP A 92 -17.87 3.26 10.26
C ASP A 92 -17.02 1.99 10.12
N ARG A 93 -16.95 1.48 8.89
CA ARG A 93 -16.13 0.30 8.60
C ARG A 93 -15.16 0.68 7.46
N VAL A 94 -14.82 1.96 7.42
CA VAL A 94 -13.91 2.49 6.41
C VAL A 94 -12.78 3.28 7.07
N TYR A 95 -11.54 3.00 6.66
CA TYR A 95 -10.39 3.75 7.15
C TYR A 95 -9.75 4.32 5.88
N ILE A 96 -9.37 5.59 5.93
CA ILE A 96 -8.71 6.23 4.79
C ILE A 96 -7.46 6.91 5.33
N ASN A 97 -6.28 6.47 4.88
CA ASN A 97 -5.03 7.07 5.31
C ASN A 97 -4.71 8.19 4.32
N TYR A 98 -4.46 9.40 4.84
CA TYR A 98 -4.13 10.55 3.99
C TYR A 98 -2.63 10.82 4.08
N TYR A 99 -2.02 11.07 2.93
CA TYR A 99 -0.60 11.34 2.84
C TYR A 99 -0.34 12.61 2.06
N ASP A 100 0.33 13.56 2.69
CA ASP A 100 0.70 14.82 2.04
C ASP A 100 2.12 14.56 1.52
N MET A 101 2.24 14.29 0.23
CA MET A 101 3.54 13.98 -0.38
C MET A 101 4.32 15.21 -0.81
N ASN A 102 5.65 15.16 -0.64
N ASN A 102 5.65 15.14 -0.66
CA ASN A 102 6.49 16.26 -1.10
CA ASN A 102 6.53 16.25 -1.07
C ASN A 102 6.68 15.99 -2.59
C ASN A 102 6.66 15.99 -2.59
N ALA A 103 6.67 17.04 -3.40
CA ALA A 103 6.81 16.89 -4.83
C ALA A 103 8.06 16.10 -5.24
N ALA A 104 9.14 16.25 -4.47
CA ALA A 104 10.38 15.54 -4.78
C ALA A 104 10.28 14.05 -4.53
N ASN A 105 9.26 13.64 -3.76
CA ASN A 105 9.05 12.24 -3.44
C ASN A 105 7.97 11.56 -4.26
N VAL A 106 7.62 12.16 -5.41
CA VAL A 106 6.64 11.57 -6.30
C VAL A 106 7.23 11.50 -7.70
N GLY A 107 7.44 10.28 -8.18
CA GLY A 107 8.01 10.08 -9.50
C GLY A 107 6.92 10.01 -10.55
N TRP A 108 7.23 10.51 -11.74
CA TRP A 108 6.28 10.52 -12.85
C TRP A 108 7.03 10.93 -14.11
N ASN A 109 6.71 10.28 -15.22
CA ASN A 109 7.32 10.62 -16.50
C ASN A 109 8.85 10.73 -16.46
N ASN A 110 9.51 9.70 -15.95
CA ASN A 110 10.97 9.64 -15.88
C ASN A 110 11.68 10.64 -14.95
N SER A 111 10.92 11.35 -14.13
CA SER A 111 11.51 12.30 -13.19
C SER A 111 10.58 12.40 -11.99
N THR A 112 10.60 13.53 -11.29
CA THR A 112 9.70 13.73 -10.16
C THR A 112 8.96 15.04 -10.40
N PHE A 113 8.06 15.40 -9.49
CA PHE A 113 7.32 16.64 -9.63
C PHE A 113 8.05 17.85 -9.05
N ALA A 114 9.24 17.63 -8.50
CA ALA A 114 10.02 18.71 -7.92
C ALA A 114 10.29 19.77 -8.98
N PRO B 1 15.61 -2.03 0.65
CA PRO B 1 14.58 -1.31 -0.15
C PRO B 1 13.43 -2.24 -0.54
N MET B 2 12.26 -1.64 -0.72
CA MET B 2 11.07 -2.40 -1.09
C MET B 2 10.39 -1.65 -2.24
N PHE B 3 10.20 -2.34 -3.36
CA PHE B 3 9.54 -1.72 -4.53
C PHE B 3 8.28 -2.49 -4.88
N ILE B 4 7.17 -1.79 -4.99
CA ILE B 4 5.89 -2.41 -5.30
C ILE B 4 5.29 -1.74 -6.54
N VAL B 5 4.80 -2.53 -7.48
CA VAL B 5 4.17 -2.00 -8.67
C VAL B 5 2.79 -2.66 -8.84
N ASN B 6 1.78 -1.80 -8.91
CA ASN B 6 0.40 -2.24 -9.13
C ASN B 6 0.06 -1.74 -10.53
N THR B 7 -0.45 -2.63 -11.37
CA THR B 7 -0.76 -2.24 -12.74
C THR B 7 -1.95 -2.98 -13.32
N ASN B 8 -2.59 -2.36 -14.32
CA ASN B 8 -3.73 -2.98 -14.97
C ASN B 8 -3.28 -3.87 -16.12
N VAL B 9 -1.96 -3.91 -16.35
CA VAL B 9 -1.40 -4.77 -17.41
C VAL B 9 -1.64 -6.22 -16.96
N PRO B 10 -2.03 -7.10 -17.91
CA PRO B 10 -2.28 -8.51 -17.57
C PRO B 10 -1.05 -9.32 -17.16
N ARG B 11 -1.26 -10.29 -16.29
CA ARG B 11 -0.19 -11.15 -15.79
C ARG B 11 0.66 -11.74 -16.92
N ALA B 12 0.00 -12.18 -17.97
CA ALA B 12 0.68 -12.78 -19.12
C ALA B 12 1.62 -11.80 -19.81
N SER B 13 1.43 -10.51 -19.59
CA SER B 13 2.27 -9.50 -20.21
C SER B 13 3.49 -9.13 -19.37
N VAL B 14 3.60 -9.73 -18.18
CA VAL B 14 4.75 -9.50 -17.33
C VAL B 14 5.76 -10.55 -17.78
N PRO B 15 6.89 -10.13 -18.35
CA PRO B 15 7.93 -11.06 -18.83
C PRO B 15 8.65 -11.85 -17.74
N ASP B 16 9.03 -13.07 -18.08
CA ASP B 16 9.77 -13.89 -17.15
C ASP B 16 11.05 -13.13 -16.82
N GLY B 17 11.48 -13.22 -15.56
CA GLY B 17 12.69 -12.53 -15.14
C GLY B 17 12.50 -11.10 -14.70
N PHE B 18 11.28 -10.60 -14.79
CA PHE B 18 10.99 -9.22 -14.40
C PHE B 18 11.34 -8.91 -12.94
N LEU B 19 10.97 -9.79 -12.01
CA LEU B 19 11.29 -9.53 -10.62
C LEU B 19 12.80 -9.54 -10.38
N SER B 20 13.52 -10.42 -11.06
CA SER B 20 14.98 -10.48 -10.92
C SER B 20 15.62 -9.22 -11.48
N GLU B 21 15.10 -8.72 -12.60
CA GLU B 21 15.64 -7.51 -13.20
C GLU B 21 15.45 -6.32 -12.26
N LEU B 22 14.25 -6.22 -11.69
CA LEU B 22 13.98 -5.12 -10.77
C LEU B 22 14.92 -5.18 -9.58
N THR B 23 15.12 -6.38 -9.06
CA THR B 23 16.01 -6.58 -7.91
C THR B 23 17.43 -6.11 -8.22
N GLN B 24 17.97 -6.60 -9.33
CA GLN B 24 19.33 -6.23 -9.72
C GLN B 24 19.48 -4.74 -10.00
N GLN B 25 18.54 -4.17 -10.75
CA GLN B 25 18.61 -2.76 -11.07
C GLN B 25 18.45 -1.86 -9.83
N LEU B 26 17.60 -2.27 -8.90
CA LEU B 26 17.40 -1.50 -7.69
C LEU B 26 18.63 -1.60 -6.79
N ALA B 27 19.27 -2.77 -6.77
CA ALA B 27 20.48 -2.96 -5.96
C ALA B 27 21.52 -1.97 -6.48
N GLN B 28 21.65 -1.90 -7.80
CA GLN B 28 22.61 -1.01 -8.45
C GLN B 28 22.30 0.46 -8.18
N ALA B 29 21.04 0.84 -8.37
CA ALA B 29 20.62 2.23 -8.20
C ALA B 29 20.68 2.75 -6.77
N THR B 30 20.30 1.92 -5.80
CA THR B 30 20.30 2.36 -4.41
C THR B 30 21.63 2.11 -3.70
N GLY B 31 22.46 1.24 -4.27
CA GLY B 31 23.75 0.92 -3.66
C GLY B 31 23.59 0.00 -2.48
N LYS B 32 22.36 -0.45 -2.25
CA LYS B 32 22.01 -1.33 -1.15
C LYS B 32 22.32 -2.78 -1.53
N PRO B 33 22.73 -3.61 -0.56
CA PRO B 33 23.04 -5.01 -0.87
C PRO B 33 21.82 -5.68 -1.50
N PRO B 34 22.02 -6.47 -2.55
CA PRO B 34 20.92 -7.16 -3.24
C PRO B 34 20.04 -8.01 -2.33
N GLN B 35 20.62 -8.58 -1.28
CA GLN B 35 19.84 -9.42 -0.37
C GLN B 35 18.80 -8.64 0.43
N TYR B 36 18.92 -7.32 0.47
CA TYR B 36 17.97 -6.51 1.21
C TYR B 36 16.87 -5.94 0.32
N ILE B 37 16.90 -6.28 -0.97
CA ILE B 37 15.89 -5.77 -1.89
C ILE B 37 14.67 -6.67 -2.03
N ALA B 38 13.48 -6.09 -1.83
CA ALA B 38 12.23 -6.82 -1.94
C ALA B 38 11.44 -6.17 -3.10
N VAL B 39 10.84 -7.00 -3.93
CA VAL B 39 10.07 -6.50 -5.08
C VAL B 39 8.73 -7.21 -5.11
N HIS B 40 7.70 -6.50 -5.56
CA HIS B 40 6.35 -7.04 -5.58
C HIS B 40 5.62 -6.45 -6.78
N VAL B 41 5.09 -7.31 -7.64
CA VAL B 41 4.37 -6.88 -8.83
C VAL B 41 2.95 -7.40 -8.77
N VAL B 42 1.98 -6.51 -8.95
CA VAL B 42 0.57 -6.88 -8.89
C VAL B 42 -0.15 -6.51 -10.20
N PRO B 43 -0.30 -7.48 -11.11
CA PRO B 43 -0.97 -7.24 -12.38
C PRO B 43 -2.49 -7.38 -12.31
N ASP B 44 -3.13 -7.19 -13.47
CA ASP B 44 -4.57 -7.33 -13.63
C ASP B 44 -5.42 -6.47 -12.71
N GLN B 45 -4.90 -5.31 -12.32
CA GLN B 45 -5.63 -4.44 -11.43
C GLN B 45 -6.69 -3.56 -12.09
N LEU B 46 -7.73 -3.26 -11.32
CA LEU B 46 -8.80 -2.39 -11.78
C LEU B 46 -8.36 -0.97 -11.39
N MET B 47 -7.76 -0.27 -12.35
CA MET B 47 -7.31 1.09 -12.06
C MET B 47 -7.45 2.01 -13.26
N ALA B 48 -7.35 3.31 -13.01
CA ALA B 48 -7.45 4.31 -14.06
C ALA B 48 -6.45 5.40 -13.73
N PHE B 49 -5.93 6.05 -14.76
CA PHE B 49 -4.99 7.14 -14.60
C PHE B 49 -5.52 8.24 -15.50
N GLY B 50 -5.87 9.38 -14.91
CA GLY B 50 -6.41 10.46 -15.70
C GLY B 50 -7.78 10.11 -16.26
N GLY B 51 -8.43 9.15 -15.63
CA GLY B 51 -9.75 8.72 -16.06
C GLY B 51 -9.72 7.67 -17.16
N SER B 52 -8.52 7.36 -17.62
CA SER B 52 -8.31 6.38 -18.68
C SER B 52 -7.84 5.02 -18.19
N SER B 53 -8.34 3.96 -18.82
CA SER B 53 -7.96 2.60 -18.44
C SER B 53 -6.83 2.04 -19.31
N GLU B 54 -6.13 2.92 -20.04
CA GLU B 54 -5.00 2.47 -20.84
C GLU B 54 -3.95 2.01 -19.83
N PRO B 55 -2.94 1.23 -20.26
CA PRO B 55 -1.91 0.76 -19.32
C PRO B 55 -1.33 1.85 -18.43
N CYS B 56 -1.27 1.58 -17.13
CA CYS B 56 -0.74 2.53 -16.18
C CYS B 56 -0.18 1.76 -14.99
N ALA B 57 0.49 2.46 -14.09
CA ALA B 57 1.07 1.81 -12.92
C ALA B 57 1.15 2.76 -11.73
N LEU B 58 0.85 2.24 -10.55
CA LEU B 58 0.95 3.00 -9.31
C LEU B 58 1.98 2.21 -8.52
N CYS B 59 3.08 2.86 -8.16
CA CYS B 59 4.17 2.19 -7.47
C CYS B 59 4.65 2.91 -6.23
N SER B 60 5.49 2.23 -5.46
CA SER B 60 6.07 2.81 -4.27
C SER B 60 7.47 2.22 -4.07
N LEU B 61 8.38 3.05 -3.56
CA LEU B 61 9.73 2.60 -3.26
C LEU B 61 10.02 3.09 -1.86
N HIS B 62 10.22 2.15 -0.93
CA HIS B 62 10.54 2.48 0.45
C HIS B 62 12.01 2.15 0.67
N SER B 63 12.73 3.03 1.34
CA SER B 63 14.13 2.77 1.62
C SER B 63 14.57 3.51 2.86
N ILE B 64 15.52 2.95 3.59
CA ILE B 64 16.04 3.61 4.77
C ILE B 64 17.19 4.45 4.20
N GLY B 65 16.91 5.72 3.96
CA GLY B 65 17.91 6.59 3.38
C GLY B 65 17.96 6.36 1.88
N LYS B 66 18.86 7.05 1.19
CA LYS B 66 19.00 6.92 -0.27
C LYS B 66 17.77 7.47 -1.00
N ILE B 67 17.06 8.36 -0.32
CA ILE B 67 15.87 9.00 -0.88
C ILE B 67 16.11 10.50 -0.87
N GLY B 68 15.88 11.15 -2.00
CA GLY B 68 16.09 12.59 -2.09
C GLY B 68 15.79 13.11 -3.47
N GLY B 69 15.83 14.43 -3.63
CA GLY B 69 15.54 15.03 -4.91
C GLY B 69 16.22 14.43 -6.13
N ALA B 70 17.55 14.48 -6.16
CA ALA B 70 18.30 13.94 -7.29
C ALA B 70 18.18 12.43 -7.41
N GLN B 71 18.27 11.73 -6.29
CA GLN B 71 18.19 10.28 -6.31
C GLN B 71 16.83 9.81 -6.83
N ASN B 72 15.76 10.46 -6.38
CA ASN B 72 14.43 10.07 -6.82
C ASN B 72 14.23 10.31 -8.32
N ARG B 73 14.84 11.36 -8.85
CA ARG B 73 14.73 11.61 -10.28
C ARG B 73 15.39 10.46 -11.02
N SER B 74 16.54 10.03 -10.52
CA SER B 74 17.27 8.92 -11.14
C SER B 74 16.47 7.62 -11.04
N TYR B 75 15.87 7.37 -9.88
CA TYR B 75 15.07 6.16 -9.69
C TYR B 75 13.90 6.16 -10.66
N SER B 76 13.28 7.32 -10.82
CA SER B 76 12.12 7.43 -11.71
C SER B 76 12.48 7.15 -13.16
N LYS B 77 13.64 7.65 -13.59
CA LYS B 77 14.08 7.41 -14.96
C LYS B 77 14.28 5.90 -15.16
N LEU B 78 14.98 5.28 -14.20
CA LEU B 78 15.23 3.85 -14.24
C LEU B 78 13.95 3.01 -14.26
N LEU B 79 13.08 3.25 -13.29
CA LEU B 79 11.85 2.47 -13.16
C LEU B 79 10.84 2.72 -14.28
N CYS B 80 10.67 3.96 -14.69
CA CYS B 80 9.74 4.23 -15.80
C CYS B 80 10.30 3.56 -17.05
N GLY B 81 11.62 3.59 -17.19
CA GLY B 81 12.24 2.97 -18.33
C GLY B 81 11.95 1.48 -18.37
N LEU B 82 12.08 0.82 -17.22
CA LEU B 82 11.81 -0.61 -17.14
C LEU B 82 10.34 -0.92 -17.39
N LEU B 83 9.45 -0.11 -16.82
CA LEU B 83 8.03 -0.34 -17.03
C LEU B 83 7.63 -0.14 -18.48
N ALA B 84 8.27 0.83 -19.13
CA ALA B 84 7.98 1.11 -20.53
C ALA B 84 8.50 -0.02 -21.42
N GLU B 85 9.73 -0.43 -21.19
CA GLU B 85 10.32 -1.50 -21.99
C GLU B 85 9.72 -2.88 -21.75
N ARG B 86 9.51 -3.23 -20.49
CA ARG B 86 8.99 -4.56 -20.17
C ARG B 86 7.47 -4.71 -20.14
N LEU B 87 6.75 -3.70 -19.67
CA LEU B 87 5.29 -3.80 -19.58
C LEU B 87 4.56 -2.91 -20.58
N ARG B 88 5.31 -2.16 -21.38
CA ARG B 88 4.75 -1.26 -22.37
C ARG B 88 3.84 -0.18 -21.78
N ILE B 89 4.23 0.33 -20.62
CA ILE B 89 3.47 1.39 -19.96
C ILE B 89 4.16 2.72 -20.21
N SER B 90 3.40 3.69 -20.70
CA SER B 90 3.96 5.01 -20.95
C SER B 90 4.40 5.67 -19.66
N PRO B 91 5.61 6.25 -19.64
CA PRO B 91 6.11 6.91 -18.43
C PRO B 91 5.16 7.95 -17.85
N ASP B 92 4.38 8.62 -18.70
CA ASP B 92 3.48 9.63 -18.17
C ASP B 92 2.19 9.05 -17.59
N ARG B 93 2.15 7.72 -17.42
CA ARG B 93 0.98 7.06 -16.83
C ARG B 93 1.49 6.20 -15.67
N VAL B 94 2.58 6.68 -15.06
CA VAL B 94 3.20 6.01 -13.93
C VAL B 94 3.42 6.99 -12.78
N TYR B 95 3.02 6.59 -11.57
CA TYR B 95 3.25 7.39 -10.37
C TYR B 95 4.08 6.48 -9.46
N ILE B 96 5.10 7.04 -8.84
CA ILE B 96 5.94 6.29 -7.91
C ILE B 96 6.07 7.11 -6.65
N ASN B 97 5.56 6.59 -5.53
CA ASN B 97 5.66 7.30 -4.26
C ASN B 97 6.94 6.85 -3.59
N TYR B 98 7.77 7.81 -3.18
CA TYR B 98 9.04 7.49 -2.51
C TYR B 98 8.90 7.76 -1.02
N TYR B 99 9.40 6.83 -0.21
CA TYR B 99 9.34 6.97 1.24
C TYR B 99 10.70 6.73 1.86
N ASP B 100 11.17 7.73 2.61
CA ASP B 100 12.45 7.63 3.32
C ASP B 100 12.07 7.13 4.71
N MET B 101 12.26 5.85 4.97
CA MET B 101 11.90 5.23 6.24
C MET B 101 12.98 5.36 7.31
N ASN B 102 12.55 5.60 8.55
CA ASN B 102 13.46 5.67 9.68
C ASN B 102 13.75 4.21 10.04
N ALA B 103 15.00 3.88 10.33
CA ALA B 103 15.37 2.51 10.66
C ALA B 103 14.51 1.90 11.77
N ALA B 104 14.10 2.73 12.72
CA ALA B 104 13.27 2.27 13.83
C ALA B 104 11.86 1.89 13.40
N ASN B 105 11.46 2.37 12.22
CA ASN B 105 10.12 2.08 11.72
C ASN B 105 10.07 1.00 10.64
N VAL B 106 11.12 0.17 10.60
CA VAL B 106 11.14 -0.94 9.64
C VAL B 106 11.45 -2.22 10.42
N GLY B 107 10.48 -3.11 10.45
CA GLY B 107 10.66 -4.38 11.15
C GLY B 107 11.24 -5.43 10.23
N TRP B 108 12.05 -6.32 10.80
CA TRP B 108 12.69 -7.39 10.04
C TRP B 108 13.34 -8.35 11.03
N ASN B 109 13.20 -9.64 10.76
CA ASN B 109 13.82 -10.66 11.59
C ASN B 109 13.56 -10.48 13.11
N ASN B 110 12.29 -10.37 13.48
CA ASN B 110 11.91 -10.28 14.89
C ASN B 110 12.35 -8.99 15.61
N SER B 111 12.77 -7.99 14.88
CA SER B 111 13.21 -6.72 15.46
C SER B 111 13.06 -5.61 14.44
N THR B 112 13.82 -4.53 14.59
CA THR B 112 13.79 -3.44 13.62
C THR B 112 15.22 -3.19 13.19
N PHE B 113 15.44 -2.26 12.30
CA PHE B 113 16.82 -1.94 11.92
C PHE B 113 17.45 -0.80 12.82
N ALA B 114 16.81 -0.38 13.91
CA ALA B 114 17.39 0.67 14.82
C ALA B 114 18.61 0.15 15.53
N PRO C 1 -5.85 0.69 14.66
CA PRO C 1 -4.65 0.17 13.96
C PRO C 1 -5.04 -0.62 12.72
N MET C 2 -4.16 -0.65 11.74
CA MET C 2 -4.41 -1.35 10.49
C MET C 2 -3.16 -2.16 10.16
N PHE C 3 -3.32 -3.47 9.99
CA PHE C 3 -2.19 -4.34 9.67
C PHE C 3 -2.44 -5.04 8.34
N ILE C 4 -1.50 -4.91 7.42
CA ILE C 4 -1.63 -5.52 6.10
C ILE C 4 -0.44 -6.44 5.84
N VAL C 5 -0.72 -7.63 5.32
CA VAL C 5 0.32 -8.60 4.99
C VAL C 5 0.17 -9.04 3.53
N ASN C 6 1.22 -8.84 2.75
CA ASN C 6 1.24 -9.27 1.35
C ASN C 6 2.27 -10.39 1.34
N THR C 7 1.90 -11.53 0.78
CA THR C 7 2.82 -12.68 0.76
C THR C 7 2.66 -13.56 -0.47
N ASN C 8 3.73 -14.28 -0.82
CA ASN C 8 3.68 -15.19 -1.96
C ASN C 8 3.18 -16.57 -1.51
N VAL C 9 2.93 -16.72 -0.22
CA VAL C 9 2.40 -17.98 0.31
C VAL C 9 0.98 -18.16 -0.27
N PRO C 10 0.63 -19.40 -0.68
CA PRO C 10 -0.68 -19.72 -1.25
C PRO C 10 -1.85 -19.51 -0.30
N ARG C 11 -3.01 -19.11 -0.84
CA ARG C 11 -4.21 -18.88 -0.04
C ARG C 11 -4.53 -20.10 0.84
N ALA C 12 -4.40 -21.29 0.26
CA ALA C 12 -4.70 -22.52 0.98
C ALA C 12 -3.80 -22.73 2.19
N SER C 13 -2.67 -22.03 2.22
CA SER C 13 -1.73 -22.16 3.33
C SER C 13 -2.02 -21.19 4.47
N VAL C 14 -3.01 -20.32 4.28
CA VAL C 14 -3.39 -19.38 5.32
C VAL C 14 -4.44 -20.13 6.15
N PRO C 15 -4.12 -20.42 7.42
CA PRO C 15 -5.04 -21.16 8.30
C PRO C 15 -6.32 -20.43 8.64
N ASP C 16 -7.41 -21.16 8.79
CA ASP C 16 -8.66 -20.54 9.18
C ASP C 16 -8.44 -19.93 10.56
N GLY C 17 -9.01 -18.76 10.78
CA GLY C 17 -8.86 -18.08 12.05
C GLY C 17 -7.67 -17.14 12.09
N PHE C 18 -6.89 -17.09 11.02
CA PHE C 18 -5.72 -16.21 10.99
C PHE C 18 -6.06 -14.74 11.17
N LEU C 19 -7.09 -14.24 10.49
CA LEU C 19 -7.45 -12.83 10.65
C LEU C 19 -7.89 -12.54 12.07
N SER C 20 -8.64 -13.47 12.68
CA SER C 20 -9.11 -13.28 14.05
C SER C 20 -7.94 -13.28 15.02
N GLU C 21 -6.96 -14.15 14.78
CA GLU C 21 -5.79 -14.19 15.65
C GLU C 21 -5.00 -12.88 15.56
N LEU C 22 -4.80 -12.38 14.35
CA LEU C 22 -4.08 -11.14 14.16
C LEU C 22 -4.81 -10.00 14.90
N THR C 23 -6.13 -9.98 14.76
CA THR C 23 -6.95 -8.95 15.40
C THR C 23 -6.76 -8.97 16.92
N GLN C 24 -6.92 -10.15 17.51
CA GLN C 24 -6.78 -10.31 18.96
C GLN C 24 -5.37 -9.96 19.46
N GLN C 25 -4.35 -10.47 18.77
CA GLN C 25 -2.98 -10.21 19.15
C GLN C 25 -2.60 -8.74 19.03
N LEU C 26 -3.10 -8.09 17.98
CA LEU C 26 -2.80 -6.68 17.76
C LEU C 26 -3.50 -5.81 18.79
N ALA C 27 -4.71 -6.22 19.17
CA ALA C 27 -5.47 -5.46 20.17
C ALA C 27 -4.66 -5.50 21.47
N GLN C 28 -4.16 -6.68 21.81
CA GLN C 28 -3.36 -6.85 23.01
C GLN C 28 -2.04 -6.08 22.97
N ALA C 29 -1.33 -6.18 21.85
CA ALA C 29 -0.05 -5.51 21.68
C ALA C 29 -0.12 -3.98 21.65
N THR C 30 -1.12 -3.44 20.97
CA THR C 30 -1.27 -1.99 20.85
C THR C 30 -2.04 -1.36 22.00
N GLY C 31 -2.82 -2.17 22.70
CA GLY C 31 -3.60 -1.67 23.80
C GLY C 31 -4.91 -1.01 23.36
N LYS C 32 -5.34 -1.25 22.13
CA LYS C 32 -6.59 -0.66 21.64
C LYS C 32 -7.70 -1.70 21.53
N PRO C 33 -8.97 -1.26 21.61
CA PRO C 33 -10.09 -2.21 21.50
C PRO C 33 -10.08 -2.92 20.15
N PRO C 34 -10.43 -4.21 20.14
CA PRO C 34 -10.45 -4.95 18.88
C PRO C 34 -11.38 -4.33 17.83
N GLN C 35 -12.37 -3.57 18.27
CA GLN C 35 -13.29 -2.93 17.33
C GLN C 35 -12.59 -1.94 16.39
N TYR C 36 -11.42 -1.46 16.78
CA TYR C 36 -10.67 -0.49 15.97
C TYR C 36 -9.59 -1.13 15.11
N ILE C 37 -9.38 -2.43 15.30
CA ILE C 37 -8.33 -3.14 14.57
C ILE C 37 -8.80 -3.66 13.22
N ALA C 38 -8.06 -3.30 12.16
CA ALA C 38 -8.37 -3.78 10.82
C ALA C 38 -7.18 -4.62 10.36
N VAL C 39 -7.47 -5.75 9.73
CA VAL C 39 -6.42 -6.66 9.26
C VAL C 39 -6.72 -7.03 7.81
N HIS C 40 -5.66 -7.23 7.03
CA HIS C 40 -5.81 -7.52 5.61
C HIS C 40 -4.67 -8.45 5.21
N VAL C 41 -5.01 -9.60 4.64
CA VAL C 41 -4.01 -10.57 4.22
C VAL C 41 -4.16 -10.80 2.72
N VAL C 42 -3.06 -10.68 1.99
CA VAL C 42 -3.06 -10.84 0.53
C VAL C 42 -2.08 -11.94 0.11
N PRO C 43 -2.60 -13.15 -0.11
CA PRO C 43 -1.75 -14.28 -0.51
C PRO C 43 -1.54 -14.38 -2.01
N ASP C 44 -0.79 -15.41 -2.41
CA ASP C 44 -0.51 -15.69 -3.82
C ASP C 44 0.14 -14.55 -4.60
N GLN C 45 0.92 -13.72 -3.93
CA GLN C 45 1.54 -12.59 -4.61
C GLN C 45 2.84 -12.92 -5.34
N LEU C 46 3.09 -12.16 -6.40
CA LEU C 46 4.30 -12.31 -7.20
C LEU C 46 5.33 -11.39 -6.55
N MET C 47 6.16 -11.94 -5.67
CA MET C 47 7.17 -11.15 -5.00
C MET C 47 8.46 -11.91 -4.78
N ALA C 48 9.52 -11.17 -4.46
CA ALA C 48 10.81 -11.77 -4.19
C ALA C 48 11.46 -10.96 -3.08
N PHE C 49 12.28 -11.64 -2.29
CA PHE C 49 12.98 -11.00 -1.19
C PHE C 49 14.42 -11.44 -1.35
N GLY C 50 15.32 -10.47 -1.54
CA GLY C 50 16.72 -10.81 -1.71
C GLY C 50 16.93 -11.55 -3.03
N GLY C 51 16.00 -11.36 -3.96
CA GLY C 51 16.09 -12.01 -5.25
C GLY C 51 15.52 -13.42 -5.26
N SER C 52 15.12 -13.90 -4.09
CA SER C 52 14.58 -15.25 -3.95
C SER C 52 13.06 -15.28 -3.84
N SER C 53 12.45 -16.30 -4.44
CA SER C 53 11.02 -16.45 -4.41
C SER C 53 10.54 -17.42 -3.30
N GLU C 54 11.41 -17.69 -2.34
CA GLU C 54 11.04 -18.55 -1.21
C GLU C 54 10.01 -17.73 -0.43
N PRO C 55 9.22 -18.37 0.45
CA PRO C 55 8.21 -17.64 1.22
C PRO C 55 8.73 -16.35 1.86
N CYS C 56 7.98 -15.27 1.69
CA CYS C 56 8.35 -13.98 2.25
C CYS C 56 7.09 -13.16 2.47
N ALA C 57 7.24 -12.02 3.13
CA ALA C 57 6.09 -11.16 3.37
C ALA C 57 6.49 -9.69 3.50
N LEU C 58 5.67 -8.83 2.91
CA LEU C 58 5.87 -7.39 2.98
C LEU C 58 4.63 -6.89 3.71
N CYS C 59 4.83 -6.28 4.87
CA CYS C 59 3.71 -5.83 5.70
C CYS C 59 3.79 -4.38 6.11
N SER C 60 2.69 -3.89 6.69
CA SER C 60 2.64 -2.54 7.19
C SER C 60 1.70 -2.50 8.39
N LEU C 61 2.05 -1.67 9.37
CA LEU C 61 1.20 -1.48 10.54
C LEU C 61 1.07 0.01 10.69
N HIS C 62 -0.16 0.51 10.59
CA HIS C 62 -0.44 1.93 10.75
C HIS C 62 -1.17 2.09 12.08
N SER C 63 -0.80 3.09 12.86
CA SER C 63 -1.47 3.32 14.13
C SER C 63 -1.37 4.78 14.50
N ILE C 64 -2.39 5.30 15.18
CA ILE C 64 -2.33 6.68 15.64
C ILE C 64 -1.66 6.54 17.01
N GLY C 65 -0.35 6.80 17.04
CA GLY C 65 0.39 6.65 18.27
C GLY C 65 0.71 5.18 18.49
N LYS C 66 1.37 4.87 19.61
CA LYS C 66 1.75 3.50 19.94
C LYS C 66 2.79 2.96 18.96
N ILE C 67 3.54 3.87 18.37
CA ILE C 67 4.59 3.53 17.42
C ILE C 67 5.89 4.16 17.94
N GLY C 68 6.94 3.35 18.02
CA GLY C 68 8.21 3.85 18.50
C GLY C 68 9.27 2.76 18.52
N GLY C 69 10.50 3.14 18.85
CA GLY C 69 11.58 2.17 18.90
C GLY C 69 11.31 0.86 19.60
N ALA C 70 11.05 0.92 20.91
CA ALA C 70 10.79 -0.28 21.69
C ALA C 70 9.50 -0.99 21.29
N GLN C 71 8.44 -0.22 21.07
CA GLN C 71 7.17 -0.82 20.68
C GLN C 71 7.29 -1.55 19.36
N ASN C 72 7.95 -0.94 18.39
CA ASN C 72 8.10 -1.58 17.08
C ASN C 72 8.91 -2.88 17.16
N ARG C 73 9.89 -2.92 18.05
CA ARG C 73 10.67 -4.15 18.19
C ARG C 73 9.75 -5.24 18.73
N SER C 74 8.90 -4.88 19.67
CA SER C 74 7.96 -5.82 20.25
C SER C 74 6.93 -6.29 19.20
N TYR C 75 6.43 -5.35 18.39
CA TYR C 75 5.47 -5.68 17.35
C TYR C 75 6.10 -6.65 16.36
N SER C 76 7.35 -6.39 15.99
CA SER C 76 8.07 -7.22 15.04
C SER C 76 8.24 -8.65 15.55
N LYS C 77 8.55 -8.80 16.83
CA LYS C 77 8.73 -10.12 17.41
C LYS C 77 7.39 -10.87 17.34
N LEU C 78 6.32 -10.18 17.73
CA LEU C 78 4.99 -10.76 17.71
C LEU C 78 4.53 -11.19 16.33
N LEU C 79 4.62 -10.25 15.37
CA LEU C 79 4.17 -10.50 14.01
C LEU C 79 5.04 -11.50 13.25
N CYS C 80 6.36 -11.41 13.39
CA CYS C 80 7.24 -12.36 12.70
C CYS C 80 6.95 -13.74 13.28
N GLY C 81 6.70 -13.79 14.59
CA GLY C 81 6.40 -15.07 15.24
C GLY C 81 5.14 -15.68 14.66
N LEU C 82 4.11 -14.87 14.48
CA LEU C 82 2.84 -15.34 13.92
C LEU C 82 3.00 -15.79 12.47
N LEU C 83 3.74 -15.01 11.69
CA LEU C 83 3.95 -15.35 10.28
C LEU C 83 4.75 -16.64 10.16
N ALA C 84 5.70 -16.84 11.05
CA ALA C 84 6.53 -18.04 11.04
C ALA C 84 5.72 -19.25 11.44
N GLU C 85 4.96 -19.14 12.52
CA GLU C 85 4.15 -20.24 13.02
C GLU C 85 2.97 -20.59 12.13
N ARG C 86 2.25 -19.58 11.66
CA ARG C 86 1.06 -19.82 10.83
C ARG C 86 1.26 -19.95 9.32
N LEU C 87 2.19 -19.16 8.77
CA LEU C 87 2.43 -19.19 7.32
C LEU C 87 3.78 -19.81 6.94
N ARG C 88 4.56 -20.22 7.94
CA ARG C 88 5.86 -20.83 7.71
C ARG C 88 6.84 -19.92 6.97
N ILE C 89 6.78 -18.62 7.28
CA ILE C 89 7.68 -17.66 6.66
C ILE C 89 8.80 -17.33 7.63
N SER C 90 10.04 -17.45 7.17
CA SER C 90 11.20 -17.15 7.99
C SER C 90 11.21 -15.67 8.37
N PRO C 91 11.42 -15.36 9.65
CA PRO C 91 11.46 -13.96 10.11
C PRO C 91 12.42 -13.08 9.30
N ASP C 92 13.51 -13.65 8.81
CA ASP C 92 14.46 -12.85 8.05
C ASP C 92 14.03 -12.60 6.60
N ARG C 93 12.80 -12.97 6.27
CA ARG C 93 12.27 -12.73 4.94
C ARG C 93 10.95 -11.97 5.08
N VAL C 94 10.89 -11.17 6.15
CA VAL C 94 9.73 -10.35 6.44
C VAL C 94 10.14 -8.90 6.67
N TYR C 95 9.43 -7.97 6.05
CA TYR C 95 9.65 -6.54 6.24
C TYR C 95 8.31 -6.01 6.74
N ILE C 96 8.35 -5.17 7.76
CA ILE C 96 7.13 -4.56 8.31
C ILE C 96 7.39 -3.06 8.41
N ASN C 97 6.66 -2.27 7.64
CA ASN C 97 6.81 -0.82 7.68
C ASN C 97 5.83 -0.30 8.74
N TYR C 98 6.33 0.50 9.68
CA TYR C 98 5.49 1.05 10.72
C TYR C 98 5.22 2.53 10.43
N TYR C 99 3.97 2.94 10.61
CA TYR C 99 3.58 4.32 10.35
C TYR C 99 2.83 4.88 11.54
N ASP C 100 3.33 5.99 12.09
CA ASP C 100 2.69 6.68 13.20
C ASP C 100 1.83 7.76 12.52
N MET C 101 0.54 7.50 12.41
CA MET C 101 -0.38 8.42 11.76
C MET C 101 -0.92 9.53 12.68
N ASN C 102 -1.06 10.73 12.11
CA ASN C 102 -1.63 11.84 12.87
C ASN C 102 -3.14 11.61 12.79
N ALA C 103 -3.87 11.83 13.88
CA ALA C 103 -5.31 11.62 13.89
C ALA C 103 -6.03 12.36 12.77
N ALA C 104 -5.54 13.54 12.41
CA ALA C 104 -6.15 14.35 11.35
C ALA C 104 -5.98 13.72 9.97
N ASN C 105 -5.03 12.80 9.85
CA ASN C 105 -4.75 12.14 8.58
C ASN C 105 -5.34 10.74 8.46
N VAL C 106 -6.32 10.42 9.32
CA VAL C 106 -6.98 9.13 9.25
C VAL C 106 -8.49 9.37 9.18
N GLY C 107 -9.06 9.00 8.04
CA GLY C 107 -10.50 9.17 7.84
C GLY C 107 -11.26 7.95 8.32
N TRP C 108 -12.47 8.18 8.82
CA TRP C 108 -13.31 7.11 9.32
C TRP C 108 -14.69 7.68 9.62
N ASN C 109 -15.73 6.93 9.27
CA ASN C 109 -17.09 7.35 9.56
C ASN C 109 -17.42 8.79 9.12
N ASN C 110 -17.14 9.10 7.85
CA ASN C 110 -17.43 10.42 7.28
C ASN C 110 -16.62 11.61 7.80
N SER C 111 -15.62 11.36 8.63
CA SER C 111 -14.80 12.44 9.17
C SER C 111 -13.41 11.89 9.41
N THR C 112 -12.66 12.48 10.34
CA THR C 112 -11.33 11.97 10.69
C THR C 112 -11.32 11.76 12.20
N PHE C 113 -10.20 11.27 12.72
CA PHE C 113 -10.10 11.03 14.15
C PHE C 113 -9.64 12.25 14.93
N ALA C 114 -9.38 13.35 14.21
CA ALA C 114 -8.94 14.58 14.86
C ALA C 114 -9.96 15.08 15.86
S SO4 D . -6.92 22.49 6.30
O1 SO4 D . -7.54 22.36 7.65
O2 SO4 D . -7.42 23.71 5.66
O3 SO4 D . -5.45 22.56 6.47
O4 SO4 D . -7.26 21.32 5.47
S SO4 E . -1.49 23.40 -0.52
O1 SO4 E . -2.41 22.43 0.07
O2 SO4 E . -2.04 24.75 -0.34
O3 SO4 E . -0.17 23.30 0.15
O4 SO4 E . -1.35 23.13 -1.95
O1 OX4 F . 2.22 22.43 -6.82
C1 OX4 F . 1.53 21.28 -7.06
C2 OX4 F . 2.23 20.08 -7.33
F2 OX4 F . 3.54 20.08 -7.34
C3 OX4 F . 1.53 18.88 -7.58
C4 OX4 F . 0.09 18.88 -7.57
C5 OX4 F . -0.61 20.09 -7.29
C6 OX4 F . 0.11 21.29 -7.04
C7 OX4 F . -0.67 17.61 -7.82
N8 OX4 F . -0.47 16.59 -7.02
O9 OX4 F . -1.15 15.37 -7.16
C10 OX4 F . -0.59 14.31 -7.82
O10 OX4 F . -0.76 14.20 -9.01
C11 OX4 F . 0.23 13.26 -7.07
C12 OX4 F . -0.01 11.84 -7.70
C13 OX4 F . 0.83 10.76 -6.93
C14 OX4 F . 0.39 10.75 -5.44
C15 OX4 F . 0.63 12.15 -4.80
C16 OX4 F . -0.20 13.22 -5.57
C1 GOL G . 1.20 10.37 -6.23
O1 GOL G . 0.96 9.90 -4.91
C2 GOL G . 0.19 11.47 -6.58
O2 GOL G . 0.11 12.40 -5.50
C3 GOL G . 0.65 12.19 -7.84
O3 GOL G . 0.12 13.52 -7.84
C1 GOL H . 12.55 24.47 -8.35
O1 GOL H . 13.89 24.53 -8.85
C2 GOL H . 11.62 23.95 -9.45
O2 GOL H . 11.85 22.56 -9.64
C3 GOL H . 10.16 24.18 -9.04
O3 GOL H . 9.29 23.44 -9.90
C1 GOL I . -21.48 5.93 15.91
O1 GOL I . -22.07 5.82 14.60
C2 GOL I . -20.90 4.57 16.33
O2 GOL I . -21.95 3.60 16.32
C3 GOL I . -19.80 4.17 15.35
O3 GOL I . -19.94 2.78 15.02
S SO4 J . 19.66 13.88 -3.19
O1 SO4 J . 19.39 14.12 -1.75
O2 SO4 J . 19.30 15.09 -3.97
O3 SO4 J . 21.11 13.60 -3.38
O4 SO4 J . 18.89 12.72 -3.65
C1 GOL K . 14.10 -1.39 3.27
O1 GOL K . 15.21 -0.50 3.36
C2 GOL K . 12.88 -0.78 3.96
O2 GOL K . 12.74 0.59 3.58
C3 GOL K . 11.62 -1.56 3.58
O3 GOL K . 10.48 -0.71 3.69
S SO4 L . 9.11 3.64 22.41
O1 SO4 L . 8.58 3.44 23.77
O2 SO4 L . 8.88 5.04 21.99
O3 SO4 L . 10.56 3.36 22.38
O4 SO4 L . 8.39 2.73 21.50
S SO4 M . 1.38 7.18 22.44
O1 SO4 M . 0.38 6.53 21.56
O2 SO4 M . 1.54 8.60 22.04
O3 SO4 M . 0.90 7.10 23.84
O4 SO4 M . 2.67 6.48 22.33
O1 OX4 N . -5.01 8.80 20.73
C1 OX4 N . -5.28 7.77 19.88
C2 OX4 N . -5.73 8.04 18.57
F2 OX4 N . -5.88 9.27 18.18
C3 OX4 N . -6.02 6.96 17.69
C4 OX4 N . -5.86 5.62 18.12
C5 OX4 N . -5.41 5.36 19.45
C6 OX4 N . -5.13 6.43 20.32
C7 OX4 N . -6.14 4.47 17.19
N8 OX4 N . -5.49 4.39 16.07
O9 OX4 N . -5.67 3.35 15.14
C10 OX4 N . -6.49 3.49 14.04
O10 OX4 N . -7.64 3.21 14.15
C11 OX4 N . -5.93 3.98 12.71
C12 OX4 N . -6.66 3.27 11.52
C13 OX4 N . -6.11 3.78 10.16
C14 OX4 N . -4.59 3.48 10.07
C15 OX4 N . -3.84 4.19 11.25
C16 OX4 N . -4.41 3.68 12.62
C1 GOL O . -5.68 3.44 10.18
O1 GOL O . -4.49 3.70 9.43
C2 GOL O . -5.31 3.12 11.62
O2 GOL O . -4.37 4.08 12.10
C3 GOL O . -6.56 3.17 12.50
O3 GOL O . -6.20 3.47 13.85
C1 GOL P . -10.94 16.60 20.27
O1 GOL P . -10.75 15.25 19.84
C2 GOL P . -10.02 17.52 19.48
O2 GOL P . -10.55 17.73 18.17
C3 GOL P . -9.89 18.87 20.20
O3 GOL P . -9.48 19.87 19.27
C1 IPA Q . -15.04 1.35 15.96
C2 IPA Q . -16.51 1.58 16.36
C3 IPA Q . -16.59 2.72 17.34
O2 IPA Q . -17.29 1.87 15.20
C1 IPA R . -11.08 -15.00 10.47
C2 IPA R . -11.25 -15.90 9.25
C3 IPA R . -11.00 -15.09 7.98
O2 IPA R . -10.33 -16.98 9.32
C1 IPA S . -9.22 -16.11 8.77
C2 IPA S . -10.27 -15.29 9.49
C3 IPA S . -11.66 -15.61 8.94
O2 IPA S . -10.24 -15.57 10.90
#